data_3HGA
# 
_entry.id   3HGA 
# 
_audit_conform.dict_name       mmcif_pdbx.dic 
_audit_conform.dict_version    5.387 
_audit_conform.dict_location   http://mmcif.pdb.org/dictionaries/ascii/mmcif_pdbx.dic 
# 
loop_
_database_2.database_id 
_database_2.database_code 
_database_2.pdbx_database_accession 
_database_2.pdbx_DOI 
PDB   3HGA         pdb_00003hga 10.2210/pdb3hga/pdb 
NDB   NA0002       ?            ?                   
RCSB  RCSB053097   ?            ?                   
WWPDB D_1000053097 ?            ?                   
# 
loop_
_pdbx_audit_revision_history.ordinal 
_pdbx_audit_revision_history.data_content_type 
_pdbx_audit_revision_history.major_revision 
_pdbx_audit_revision_history.minor_revision 
_pdbx_audit_revision_history.revision_date 
1 'Structure model' 1 0 2009-08-18 
2 'Structure model' 1 1 2011-07-13 
3 'Structure model' 1 2 2012-02-29 
4 'Structure model' 1 3 2017-11-01 
5 'Structure model' 1 4 2018-01-24 
6 'Structure model' 1 5 2024-02-21 
# 
_pdbx_audit_revision_details.ordinal             1 
_pdbx_audit_revision_details.revision_ordinal    1 
_pdbx_audit_revision_details.data_content_type   'Structure model' 
_pdbx_audit_revision_details.provider            repository 
_pdbx_audit_revision_details.type                'Initial release' 
_pdbx_audit_revision_details.description         ? 
_pdbx_audit_revision_details.details             ? 
# 
loop_
_pdbx_audit_revision_group.ordinal 
_pdbx_audit_revision_group.revision_ordinal 
_pdbx_audit_revision_group.data_content_type 
_pdbx_audit_revision_group.group 
1 2 'Structure model' Advisory                    
2 2 'Structure model' 'Version format compliance' 
3 3 'Structure model' 'Structure summary'         
4 4 'Structure model' 'Refinement description'    
5 5 'Structure model' 'Database references'       
6 6 'Structure model' 'Data collection'           
7 6 'Structure model' 'Database references'       
8 6 'Structure model' 'Derived calculations'      
# 
loop_
_pdbx_audit_revision_category.ordinal 
_pdbx_audit_revision_category.revision_ordinal 
_pdbx_audit_revision_category.data_content_type 
_pdbx_audit_revision_category.category 
1 4 'Structure model' software        
2 5 'Structure model' citation_author 
3 6 'Structure model' chem_comp_atom  
4 6 'Structure model' chem_comp_bond  
5 6 'Structure model' database_2      
6 6 'Structure model' struct_conn     
# 
loop_
_pdbx_audit_revision_item.ordinal 
_pdbx_audit_revision_item.revision_ordinal 
_pdbx_audit_revision_item.data_content_type 
_pdbx_audit_revision_item.item 
1  4 'Structure model' '_software.classification'            
2  4 'Structure model' '_software.contact_author'            
3  4 'Structure model' '_software.contact_author_email'      
4  4 'Structure model' '_software.date'                      
5  4 'Structure model' '_software.language'                  
6  4 'Structure model' '_software.location'                  
7  4 'Structure model' '_software.name'                      
8  4 'Structure model' '_software.type'                      
9  4 'Structure model' '_software.version'                   
10 5 'Structure model' '_citation_author.name'               
11 6 'Structure model' '_database_2.pdbx_DOI'                
12 6 'Structure model' '_database_2.pdbx_database_accession' 
13 6 'Structure model' '_struct_conn.pdbx_leaving_atom_flag' 
# 
_pdbx_database_status.entry_id                        3HGA 
_pdbx_database_status.status_code                     REL 
_pdbx_database_status.deposit_site                    RCSB 
_pdbx_database_status.process_site                    RCSB 
_pdbx_database_status.recvd_initial_deposition_date   2009-05-13 
_pdbx_database_status.status_code_sf                  REL 
_pdbx_database_status.status_code_mr                  ? 
_pdbx_database_status.SG_entry                        ? 
_pdbx_database_status.status_code_cs                  ? 
_pdbx_database_status.methods_development_category    ? 
_pdbx_database_status.pdb_format_compatible           Y 
_pdbx_database_status.status_code_nmr_data            ? 
# 
loop_
_pdbx_database_related.db_name 
_pdbx_database_related.db_id 
_pdbx_database_related.details 
_pdbx_database_related.content_type 
PDB 3HG8 . unspecified 
PDB 3HGD . unspecified 
# 
loop_
_audit_author.name 
_audit_author.pdbx_ordinal 
'Sheng, J.'  1 
'Soares, A.' 2 
'Huang, Z.'  3 
# 
_citation.id                        primary 
_citation.title                     
'Oxygen Replacement with Selenium at the Uridine 4-Position for RNA Structure Study and Visualization' 
_citation.journal_abbrev            'To be Published' 
_citation.journal_volume            ? 
_citation.page_first                ? 
_citation.page_last                 ? 
_citation.year                      ? 
_citation.journal_id_ASTM           ? 
_citation.country                   ? 
_citation.journal_id_ISSN           ? 
_citation.journal_id_CSD            0353 
_citation.book_publisher            ? 
_citation.pdbx_database_id_PubMed   ? 
_citation.pdbx_database_id_DOI      ? 
# 
loop_
_citation_author.citation_id 
_citation_author.name 
_citation_author.ordinal 
_citation_author.identifier_ORCID 
primary 'Sheng, J.'  1 ? 
primary 'Soares, A.' 2 ? 
primary 'Huang, Z.'  3 ? 
# 
loop_
_entity.id 
_entity.type 
_entity.src_method 
_entity.pdbx_description 
_entity.formula_weight 
_entity.pdbx_number_of_molecules 
_entity.pdbx_ec 
_entity.pdbx_mutation 
_entity.pdbx_fragment 
_entity.details 
1 polymer syn "5'-R(*UP*(US5)P*CP*GP*CP*G)-3'" 1931.110 1  ? ? ? '4-Se-Uridine derivatized RNA' 
2 water   nat water                            18.015   34 ? ? ? ?                              
# 
_entity_poly.entity_id                      1 
_entity_poly.type                           polyribonucleotide 
_entity_poly.nstd_linkage                   no 
_entity_poly.nstd_monomer                   yes 
_entity_poly.pdbx_seq_one_letter_code       'U(US5)CGCG' 
_entity_poly.pdbx_seq_one_letter_code_can   UUCGCG 
_entity_poly.pdbx_strand_id                 X 
_entity_poly.pdbx_target_identifier         ? 
# 
_pdbx_entity_nonpoly.entity_id   2 
_pdbx_entity_nonpoly.name        water 
_pdbx_entity_nonpoly.comp_id     HOH 
# 
loop_
_entity_poly_seq.entity_id 
_entity_poly_seq.num 
_entity_poly_seq.mon_id 
_entity_poly_seq.hetero 
1 1 U   n 
1 2 US5 n 
1 3 C   n 
1 4 G   n 
1 5 C   n 
1 6 G   n 
# 
_pdbx_entity_src_syn.entity_id              1 
_pdbx_entity_src_syn.pdbx_src_id            1 
_pdbx_entity_src_syn.pdbx_alt_source_flag   sample 
_pdbx_entity_src_syn.pdbx_beg_seq_num       ? 
_pdbx_entity_src_syn.pdbx_end_seq_num       ? 
_pdbx_entity_src_syn.organism_scientific    ? 
_pdbx_entity_src_syn.organism_common_name   ? 
_pdbx_entity_src_syn.ncbi_taxonomy_id       ? 
_pdbx_entity_src_syn.details                
'the 4-Se-Uridine was chemically synthesized and incorporated into RNA by solid phase synthesis' 
# 
loop_
_chem_comp.id 
_chem_comp.type 
_chem_comp.mon_nstd_flag 
_chem_comp.name 
_chem_comp.pdbx_synonyms 
_chem_comp.formula 
_chem_comp.formula_weight 
C   'RNA linking' y "CYTIDINE-5'-MONOPHOSPHATE"                                           ?                               
'C9 H14 N3 O8 P'    323.197 
G   'RNA linking' y "GUANOSINE-5'-MONOPHOSPHATE"                                          ?                               
'C10 H14 N5 O8 P'   363.221 
HOH non-polymer   . WATER                                                                 ?                               'H2 O' 
18.015  
U   'RNA linking' y "URIDINE-5'-MONOPHOSPHATE"                                            ?                               
'C9 H13 N2 O9 P'    324.181 
US5 'RNA linking' n '1-(5-O-phosphono-beta-D-ribofuranosyl)-4-selanylpyrimidin-2(1H)-one' "4-Se-ribouridine-5'-phosphate" 
'C9 H13 N2 O8 P Se' 387.142 
# 
loop_
_pdbx_poly_seq_scheme.asym_id 
_pdbx_poly_seq_scheme.entity_id 
_pdbx_poly_seq_scheme.seq_id 
_pdbx_poly_seq_scheme.mon_id 
_pdbx_poly_seq_scheme.ndb_seq_num 
_pdbx_poly_seq_scheme.pdb_seq_num 
_pdbx_poly_seq_scheme.auth_seq_num 
_pdbx_poly_seq_scheme.pdb_mon_id 
_pdbx_poly_seq_scheme.auth_mon_id 
_pdbx_poly_seq_scheme.pdb_strand_id 
_pdbx_poly_seq_scheme.pdb_ins_code 
_pdbx_poly_seq_scheme.hetero 
A 1 1 U   1 1 1 U   U   X . n 
A 1 2 US5 2 2 2 US5 US5 X . n 
A 1 3 C   3 3 3 C   C   X . n 
A 1 4 G   4 4 4 G   G   X . n 
A 1 5 C   5 5 5 C   C   X . n 
A 1 6 G   6 6 6 G   G   X . n 
# 
loop_
_pdbx_nonpoly_scheme.asym_id 
_pdbx_nonpoly_scheme.entity_id 
_pdbx_nonpoly_scheme.mon_id 
_pdbx_nonpoly_scheme.ndb_seq_num 
_pdbx_nonpoly_scheme.pdb_seq_num 
_pdbx_nonpoly_scheme.auth_seq_num 
_pdbx_nonpoly_scheme.pdb_mon_id 
_pdbx_nonpoly_scheme.auth_mon_id 
_pdbx_nonpoly_scheme.pdb_strand_id 
_pdbx_nonpoly_scheme.pdb_ins_code 
B 2 HOH 1  7  7  HOH HOH X . 
B 2 HOH 2  8  8  HOH HOH X . 
B 2 HOH 3  9  9  HOH HOH X . 
B 2 HOH 4  10 10 HOH HOH X . 
B 2 HOH 5  11 11 HOH HOH X . 
B 2 HOH 6  12 12 HOH HOH X . 
B 2 HOH 7  14 14 HOH HOH X . 
B 2 HOH 8  15 15 HOH HOH X . 
B 2 HOH 9  16 16 HOH HOH X . 
B 2 HOH 10 17 17 HOH HOH X . 
B 2 HOH 11 18 18 HOH HOH X . 
B 2 HOH 12 19 19 HOH HOH X . 
B 2 HOH 13 20 20 HOH HOH X . 
B 2 HOH 14 21 21 HOH HOH X . 
B 2 HOH 15 22 22 HOH HOH X . 
B 2 HOH 16 23 23 HOH HOH X . 
B 2 HOH 17 24 24 HOH HOH X . 
B 2 HOH 18 25 25 HOH HOH X . 
B 2 HOH 19 26 26 HOH HOH X . 
B 2 HOH 20 27 27 HOH HOH X . 
B 2 HOH 21 29 29 HOH HOH X . 
B 2 HOH 22 31 31 HOH HOH X . 
B 2 HOH 23 32 32 HOH HOH X . 
B 2 HOH 24 33 33 HOH HOH X . 
B 2 HOH 25 35 35 HOH HOH X . 
B 2 HOH 26 36 36 HOH HOH X . 
B 2 HOH 27 39 39 HOH HOH X . 
B 2 HOH 28 41 41 HOH HOH X . 
B 2 HOH 29 42 42 HOH HOH X . 
B 2 HOH 30 44 44 HOH HOH X . 
B 2 HOH 31 45 45 HOH HOH X . 
B 2 HOH 32 46 46 HOH HOH X . 
B 2 HOH 33 47 47 HOH HOH X . 
B 2 HOH 34 48 48 HOH HOH X . 
# 
loop_
_software.pdbx_ordinal 
_software.name 
_software.version 
_software.date 
_software.type 
_software.contact_author 
_software.contact_author_email 
_software.classification 
_software.location 
_software.language 
_software.citation_id 
1 DENZO       .        ?               package 'Zbyszek Otwinowski' hkl@hkl-xray.com            'data reduction'  
http://www.hkl-xray.com/                     ?          ? 
2 SCALEPACK   .        ?               package 'Zbyszek Otwinowski' hkl@hkl-xray.com            'data scaling'    
http://www.hkl-xray.com/                     ?          ? 
3 PHASER      .        ?               program 'Randy J. Read'      cimr-phaser@lists.cam.ac.uk phasing           
http://www-structmed.cimr.cam.ac.uk/phaser/  ?          ? 
4 REFMAC      5.2.0019 ?               program 'Garib N. Murshudov' garib@ysbl.york.ac.uk       refinement        
http://www.ccp4.ac.uk/dist/html/refmac5.html Fortran_77 ? 
5 PDB_EXTRACT 3.005    'June 11, 2008' package PDB                  help@deposit.rcsb.org       'data extraction' 
http://sw-tools.pdb.org/apps/PDB_EXTRACT/    C++        ? 
6 CBASS       .        ?               ?       ?                    ?                           'data collection' ? ?          ? 
7 HKL-2000    .        ?               ?       ?                    ?                           'data reduction'  ? ?          ? 
8 PHASES      .        ?               ?       ?                    ?                           phasing           ? ?          ? 
# 
_cell.entry_id           3HGA 
_cell.length_a           30.255 
_cell.length_b           34.079 
_cell.length_c           28.931 
_cell.angle_alpha        90.00 
_cell.angle_beta         90.00 
_cell.angle_gamma        90.00 
_cell.Z_PDB              8 
_cell.pdbx_unique_axis   ? 
_cell.length_a_esd       ? 
_cell.length_b_esd       ? 
_cell.length_c_esd       ? 
_cell.angle_alpha_esd    ? 
_cell.angle_beta_esd     ? 
_cell.angle_gamma_esd    ? 
# 
_symmetry.entry_id                         3HGA 
_symmetry.space_group_name_H-M             'C 2 2 21' 
_symmetry.pdbx_full_space_group_name_H-M   ? 
_symmetry.cell_setting                     ? 
_symmetry.Int_Tables_number                20 
_symmetry.space_group_name_Hall            ? 
# 
_exptl.entry_id          3HGA 
_exptl.method            'X-RAY DIFFRACTION' 
_exptl.crystals_number   1 
# 
_exptl_crystal.id                    1 
_exptl_crystal.density_meas          ? 
_exptl_crystal.density_Matthews      1.93 
_exptl_crystal.density_percent_sol   36.30 
_exptl_crystal.description           ? 
_exptl_crystal.F_000                 ? 
_exptl_crystal.preparation           ? 
# 
_exptl_crystal_grow.crystal_id      1 
_exptl_crystal_grow.method          'VAPOR DIFFUSION, HANGING DROP' 
_exptl_crystal_grow.temp            298 
_exptl_crystal_grow.temp_details    ? 
_exptl_crystal_grow.pH              ? 
_exptl_crystal_grow.pdbx_pH_range   ? 
_exptl_crystal_grow.pdbx_details    'MPD,sodium cacodylate,spermine tetra-HCl, vapor diffusion, hanging drop, temperature 298K' 
# 
_diffrn.id                     1 
_diffrn.ambient_temp           100 
_diffrn.ambient_temp_details   ? 
_diffrn.crystal_id             1 
# 
_diffrn_detector.diffrn_id              1 
_diffrn_detector.detector               CCD 
_diffrn_detector.type                   'ADSC QUANTUM 210' 
_diffrn_detector.pdbx_collection_date   2009-03-23 
_diffrn_detector.details                ? 
# 
_diffrn_radiation.diffrn_id                        1 
_diffrn_radiation.wavelength_id                    1 
_diffrn_radiation.pdbx_monochromatic_or_laue_m_l   ? 
_diffrn_radiation.monochromator                    'Si(111)' 
_diffrn_radiation.pdbx_diffrn_protocol             SAD 
_diffrn_radiation.pdbx_scattering_type             x-ray 
# 
_diffrn_radiation_wavelength.id           1 
_diffrn_radiation_wavelength.wavelength   0.9795 
_diffrn_radiation_wavelength.wt           1.0 
# 
_diffrn_source.diffrn_id                   1 
_diffrn_source.source                      SYNCHROTRON 
_diffrn_source.type                        'NSLS BEAMLINE X12C' 
_diffrn_source.pdbx_synchrotron_site       NSLS 
_diffrn_source.pdbx_synchrotron_beamline   X12C 
_diffrn_source.pdbx_wavelength             ? 
_diffrn_source.pdbx_wavelength_list        0.9795 
# 
_reflns.entry_id                     3HGA 
_reflns.observed_criterion_sigma_I   ? 
_reflns.observed_criterion_sigma_F   ? 
_reflns.d_resolution_low             50.000 
_reflns.d_resolution_high            1.30 
_reflns.number_obs                   3773 
_reflns.number_all                   ? 
_reflns.percent_possible_obs         96.600 
_reflns.pdbx_Rmerge_I_obs            0.047 
_reflns.pdbx_Rsym_value              ? 
_reflns.pdbx_netI_over_sigmaI        31.605 
_reflns.B_iso_Wilson_estimate        ? 
_reflns.pdbx_redundancy              6.800 
_reflns.R_free_details               ? 
_reflns.pdbx_chi_squared             ? 
_reflns.pdbx_scaling_rejects         ? 
_reflns.pdbx_ordinal                 1 
_reflns.pdbx_diffrn_id               1 
# 
_reflns_shell.d_res_high             1.30 
_reflns_shell.d_res_low              1.50 
_reflns_shell.percent_possible_all   100.00 
_reflns_shell.Rmerge_I_obs           0.185 
_reflns_shell.pdbx_Rsym_value        ? 
_reflns_shell.meanI_over_sigI_obs    ? 
_reflns_shell.pdbx_redundancy        6.60 
_reflns_shell.percent_possible_obs   ? 
_reflns_shell.number_unique_all      ? 
_reflns_shell.number_measured_all    ? 
_reflns_shell.number_measured_obs    ? 
_reflns_shell.number_unique_obs      ? 
_reflns_shell.pdbx_chi_squared       ? 
_reflns_shell.pdbx_ordinal           1 
_reflns_shell.pdbx_diffrn_id         1 
# 
_refine.pdbx_refine_id                           'X-RAY DIFFRACTION' 
_refine.entry_id                                 3HGA 
_refine.ls_number_reflns_obs                     3581 
_refine.ls_number_reflns_all                     ? 
_refine.pdbx_ls_sigma_I                          ? 
_refine.pdbx_ls_sigma_F                          . 
_refine.pdbx_data_cutoff_high_absF               ? 
_refine.pdbx_data_cutoff_low_absF                ? 
_refine.pdbx_data_cutoff_high_rms_absF           ? 
_refine.ls_d_res_low                             14.47 
_refine.ls_d_res_high                            1.30 
_refine.ls_percent_reflns_obs                    95.93 
_refine.ls_R_factor_obs                          0.19414 
_refine.ls_R_factor_all                          ? 
_refine.ls_R_factor_R_work                       0.19212 
_refine.ls_R_factor_R_free                       0.24301 
_refine.ls_R_factor_R_free_error                 ? 
_refine.ls_R_factor_R_free_error_details         ? 
_refine.ls_percent_reflns_R_free                 4.4 
_refine.ls_number_reflns_R_free                  164 
_refine.ls_number_parameters                     ? 
_refine.ls_number_restraints                     ? 
_refine.occupancy_min                            0.34 
_refine.occupancy_max                            1.00 
_refine.correlation_coeff_Fo_to_Fc               0.956 
_refine.correlation_coeff_Fo_to_Fc_free          0.916 
_refine.B_iso_mean                               18.919 
_refine.aniso_B[1][1]                            0.02 
_refine.aniso_B[2][2]                            -0.02 
_refine.aniso_B[3][3]                            0.00 
_refine.aniso_B[1][2]                            0.00 
_refine.aniso_B[1][3]                            0.00 
_refine.aniso_B[2][3]                            0.00 
_refine.solvent_model_details                    MASK 
_refine.solvent_model_param_ksol                 ? 
_refine.solvent_model_param_bsol                 ? 
_refine.pdbx_solvent_vdw_probe_radii             1.20 
_refine.pdbx_solvent_ion_probe_radii             0.80 
_refine.pdbx_solvent_shrinkage_radii             0.80 
_refine.pdbx_ls_cross_valid_method               THROUGHOUT 
_refine.details                                  'HYDROGENS HAVE BEEN ADDED IN THE RIDING POSITIONS' 
_refine.pdbx_starting_model                      ? 
_refine.pdbx_method_to_determine_struct          'MOLECULAR REPLACEMENT' 
_refine.pdbx_isotropic_thermal_model             ? 
_refine.pdbx_stereochemistry_target_values       'MAXIMUM LIKELIHOOD' 
_refine.pdbx_stereochem_target_val_spec_case     ? 
_refine.pdbx_R_Free_selection_details            RANDOM 
_refine.pdbx_overall_ESU_R                       0.059 
_refine.pdbx_overall_ESU_R_Free                  0.068 
_refine.overall_SU_ML                            0.040 
_refine.pdbx_overall_phase_error                 ? 
_refine.overall_SU_B                             2.002 
_refine.ls_redundancy_reflns_obs                 ? 
_refine.overall_SU_R_Cruickshank_DPI             ? 
_refine.overall_SU_R_free                        ? 
_refine.ls_wR_factor_R_free                      ? 
_refine.ls_wR_factor_R_work                      ? 
_refine.overall_FOM_free_R_set                   ? 
_refine.overall_FOM_work_R_set                   ? 
_refine.pdbx_TLS_residual_ADP_flag               'LIKELY RESIDUAL' 
_refine.pdbx_diffrn_id                           1 
_refine.pdbx_overall_SU_R_free_Cruickshank_DPI   ? 
_refine.pdbx_overall_SU_R_Blow_DPI               ? 
_refine.pdbx_overall_SU_R_free_Blow_DPI          ? 
# 
_refine_hist.pdbx_refine_id                   'X-RAY DIFFRACTION' 
_refine_hist.cycle_id                         LAST 
_refine_hist.pdbx_number_atoms_protein        0 
_refine_hist.pdbx_number_atoms_nucleic_acid   123 
_refine_hist.pdbx_number_atoms_ligand         0 
_refine_hist.number_atoms_solvent             34 
_refine_hist.number_atoms_total               157 
_refine_hist.d_res_high                       1.30 
_refine_hist.d_res_low                        14.47 
# 
loop_
_refine_ls_restr.type 
_refine_ls_restr.dev_ideal 
_refine_ls_restr.dev_ideal_target 
_refine_ls_restr.weight 
_refine_ls_restr.number 
_refine_ls_restr.pdbx_refine_id 
_refine_ls_restr.pdbx_restraint_function 
r_bond_refined_d             0.005 0.021 ? 136 'X-RAY DIFFRACTION' ? 
r_bond_other_d               ?     ?     ? ?   'X-RAY DIFFRACTION' ? 
r_angle_refined_deg          0.952 3.000 ? 210 'X-RAY DIFFRACTION' ? 
r_angle_other_deg            ?     ?     ? ?   'X-RAY DIFFRACTION' ? 
r_dihedral_angle_1_deg       ?     ?     ? ?   'X-RAY DIFFRACTION' ? 
r_dihedral_angle_2_deg       ?     ?     ? ?   'X-RAY DIFFRACTION' ? 
r_dihedral_angle_3_deg       ?     ?     ? ?   'X-RAY DIFFRACTION' ? 
r_dihedral_angle_4_deg       ?     ?     ? ?   'X-RAY DIFFRACTION' ? 
r_chiral_restr               0.038 0.200 ? 29  'X-RAY DIFFRACTION' ? 
r_gen_planes_refined         0.003 0.020 ? 60  'X-RAY DIFFRACTION' ? 
r_gen_planes_other           ?     ?     ? ?   'X-RAY DIFFRACTION' ? 
r_nbd_refined                0.166 0.200 ? 47  'X-RAY DIFFRACTION' ? 
r_nbd_other                  ?     ?     ? ?   'X-RAY DIFFRACTION' ? 
r_nbtor_refined              0.267 0.200 ? 88  'X-RAY DIFFRACTION' ? 
r_nbtor_other                ?     ?     ? ?   'X-RAY DIFFRACTION' ? 
r_xyhbond_nbd_refined        0.036 0.200 ? 16  'X-RAY DIFFRACTION' ? 
r_xyhbond_nbd_other          ?     ?     ? ?   'X-RAY DIFFRACTION' ? 
r_metal_ion_refined          ?     ?     ? ?   'X-RAY DIFFRACTION' ? 
r_metal_ion_other            ?     ?     ? ?   'X-RAY DIFFRACTION' ? 
r_symmetry_vdw_refined       0.151 0.200 ? 16  'X-RAY DIFFRACTION' ? 
r_symmetry_vdw_other         ?     ?     ? ?   'X-RAY DIFFRACTION' ? 
r_symmetry_hbond_refined     0.070 0.200 ? 11  'X-RAY DIFFRACTION' ? 
r_symmetry_hbond_other       ?     ?     ? ?   'X-RAY DIFFRACTION' ? 
r_symmetry_metal_ion_refined ?     ?     ? ?   'X-RAY DIFFRACTION' ? 
r_symmetry_metal_ion_other   ?     ?     ? ?   'X-RAY DIFFRACTION' ? 
r_mcbond_it                  ?     ?     ? ?   'X-RAY DIFFRACTION' ? 
r_mcbond_other               ?     ?     ? ?   'X-RAY DIFFRACTION' ? 
r_mcangle_it                 ?     ?     ? ?   'X-RAY DIFFRACTION' ? 
r_scbond_it                  0.717 3.000 ? 192 'X-RAY DIFFRACTION' ? 
r_scangle_it                 0.784 4.500 ? 210 'X-RAY DIFFRACTION' ? 
r_rigid_bond_restr           ?     ?     ? ?   'X-RAY DIFFRACTION' ? 
r_sphericity_free            ?     ?     ? ?   'X-RAY DIFFRACTION' ? 
r_sphericity_bonded          ?     ?     ? ?   'X-RAY DIFFRACTION' ? 
# 
_refine_ls_shell.pdbx_refine_id                   'X-RAY DIFFRACTION' 
_refine_ls_shell.pdbx_total_number_of_bins_used   20 
_refine_ls_shell.d_res_high                       1.30 
_refine_ls_shell.d_res_low                        1.333 
_refine_ls_shell.number_reflns_R_work             224 
_refine_ls_shell.R_factor_R_work                  0.277 
_refine_ls_shell.percent_reflns_obs               82.33 
_refine_ls_shell.R_factor_R_free                  0.383 
_refine_ls_shell.R_factor_R_free_error            ? 
_refine_ls_shell.percent_reflns_R_free            ? 
_refine_ls_shell.number_reflns_R_free             9 
_refine_ls_shell.number_reflns_all                ? 
_refine_ls_shell.R_factor_all                     ? 
_refine_ls_shell.redundancy_reflns_obs            ? 
_refine_ls_shell.number_reflns_obs                ? 
# 
_struct.entry_id                  3HGA 
_struct.title                     'Crystal Structure of 4-Se-Uridine Derivatized RNA' 
_struct.pdbx_model_details        ? 
_struct.pdbx_CASP_flag            ? 
_struct.pdbx_model_type_details   ? 
# 
_struct_keywords.entry_id        3HGA 
_struct_keywords.text            '4-Se-U RNA, RNA' 
_struct_keywords.pdbx_keywords   RNA 
# 
loop_
_struct_asym.id 
_struct_asym.pdbx_blank_PDB_chainid_flag 
_struct_asym.pdbx_modified 
_struct_asym.entity_id 
_struct_asym.details 
A N N 1 ? 
B N N 2 ? 
# 
_struct_ref.id                         1 
_struct_ref.db_name                    PDB 
_struct_ref.db_code                    3HGA 
_struct_ref.pdbx_db_accession          3HGA 
_struct_ref.entity_id                  1 
_struct_ref.pdbx_align_begin           ? 
_struct_ref.pdbx_seq_one_letter_code   UUCGCG 
_struct_ref.pdbx_db_isoform            ? 
# 
_struct_ref_seq.align_id                      1 
_struct_ref_seq.ref_id                        1 
_struct_ref_seq.pdbx_PDB_id_code              3HGA 
_struct_ref_seq.pdbx_strand_id                X 
_struct_ref_seq.seq_align_beg                 1 
_struct_ref_seq.pdbx_seq_align_beg_ins_code   ? 
_struct_ref_seq.seq_align_end                 6 
_struct_ref_seq.pdbx_seq_align_end_ins_code   ? 
_struct_ref_seq.pdbx_db_accession             3HGA 
_struct_ref_seq.db_align_beg                  1 
_struct_ref_seq.pdbx_db_align_beg_ins_code    ? 
_struct_ref_seq.db_align_end                  6 
_struct_ref_seq.pdbx_db_align_end_ins_code    ? 
_struct_ref_seq.pdbx_auth_seq_align_beg       1 
_struct_ref_seq.pdbx_auth_seq_align_end       6 
# 
_pdbx_struct_assembly.id                   1 
_pdbx_struct_assembly.details              author_and_software_defined_assembly 
_pdbx_struct_assembly.method_details       PISA 
_pdbx_struct_assembly.oligomeric_details   dimeric 
_pdbx_struct_assembly.oligomeric_count     2 
# 
loop_
_pdbx_struct_assembly_prop.biol_id 
_pdbx_struct_assembly_prop.type 
_pdbx_struct_assembly_prop.value 
_pdbx_struct_assembly_prop.details 
1 'ABSA (A^2)' 1420 ? 
1 MORE         1    ? 
1 'SSA (A^2)'  2480 ? 
# 
_pdbx_struct_assembly_gen.assembly_id       1 
_pdbx_struct_assembly_gen.oper_expression   1,2 
_pdbx_struct_assembly_gen.asym_id_list      A,B 
# 
loop_
_pdbx_struct_oper_list.id 
_pdbx_struct_oper_list.type 
_pdbx_struct_oper_list.name 
_pdbx_struct_oper_list.symmetry_operation 
_pdbx_struct_oper_list.matrix[1][1] 
_pdbx_struct_oper_list.matrix[1][2] 
_pdbx_struct_oper_list.matrix[1][3] 
_pdbx_struct_oper_list.vector[1] 
_pdbx_struct_oper_list.matrix[2][1] 
_pdbx_struct_oper_list.matrix[2][2] 
_pdbx_struct_oper_list.matrix[2][3] 
_pdbx_struct_oper_list.vector[2] 
_pdbx_struct_oper_list.matrix[3][1] 
_pdbx_struct_oper_list.matrix[3][2] 
_pdbx_struct_oper_list.matrix[3][3] 
_pdbx_struct_oper_list.vector[3] 
1 'identity operation'         1_555 x,y,z         1.0000000000  0.0000000000  0.0000000000 0.0000000000 0.0000000000  1.0000000000 0.0000000000  0.0000000000 0.0000000000 0.0000000000  1.0000000000  0.0000000000 
2 'crystal symmetry operation' 3_455 -x-1,y,-z+1/2 -0.9800396610 -0.1756636917 0.0930834589 0.4024563068 -0.1756636917 0.5459523287 -0.8191937025 3.7901314334 0.0930834589 -0.8191937025 -0.5659126677 7.0662964540 
# 
_struct_biol.id        1 
_struct_biol.details   ? 
# 
loop_
_struct_conn.id 
_struct_conn.conn_type_id 
_struct_conn.pdbx_leaving_atom_flag 
_struct_conn.pdbx_PDB_id 
_struct_conn.ptnr1_label_asym_id 
_struct_conn.ptnr1_label_comp_id 
_struct_conn.ptnr1_label_seq_id 
_struct_conn.ptnr1_label_atom_id 
_struct_conn.pdbx_ptnr1_label_alt_id 
_struct_conn.pdbx_ptnr1_PDB_ins_code 
_struct_conn.pdbx_ptnr1_standard_comp_id 
_struct_conn.ptnr1_symmetry 
_struct_conn.ptnr2_label_asym_id 
_struct_conn.ptnr2_label_comp_id 
_struct_conn.ptnr2_label_seq_id 
_struct_conn.ptnr2_label_atom_id 
_struct_conn.pdbx_ptnr2_label_alt_id 
_struct_conn.pdbx_ptnr2_PDB_ins_code 
_struct_conn.ptnr1_auth_asym_id 
_struct_conn.ptnr1_auth_comp_id 
_struct_conn.ptnr1_auth_seq_id 
_struct_conn.ptnr2_auth_asym_id 
_struct_conn.ptnr2_auth_comp_id 
_struct_conn.ptnr2_auth_seq_id 
_struct_conn.ptnr2_symmetry 
_struct_conn.pdbx_ptnr3_label_atom_id 
_struct_conn.pdbx_ptnr3_label_seq_id 
_struct_conn.pdbx_ptnr3_label_comp_id 
_struct_conn.pdbx_ptnr3_label_asym_id 
_struct_conn.pdbx_ptnr3_label_alt_id 
_struct_conn.pdbx_ptnr3_PDB_ins_code 
_struct_conn.details 
_struct_conn.pdbx_dist_value 
_struct_conn.pdbx_value_order 
_struct_conn.pdbx_role 
covale1  covale both ? A U   1 "O3'" ? ? ? 1_555 A US5 2 P  ? ? X U   1 X US5 2 1_555 ? ? ? ? ? ? ?            1.602 ? ? 
covale2  covale one  ? A US5 2 "O3'" ? ? ? 1_555 A C   3 P  ? ? X US5 2 X C   3 1_555 ? ? ? ? ? ? ?            1.602 ? ? 
hydrog1  hydrog ?    ? A C   3 N3    ? ? ? 1_555 A G   6 N1 ? ? X C   3 X G   6 3_455 ? ? ? ? ? ? WATSON-CRICK ?     ? ? 
hydrog2  hydrog ?    ? A C   3 N4    ? ? ? 1_555 A G   6 O6 ? ? X C   3 X G   6 3_455 ? ? ? ? ? ? WATSON-CRICK ?     ? ? 
hydrog3  hydrog ?    ? A C   3 O2    ? ? ? 1_555 A G   6 N2 ? ? X C   3 X G   6 3_455 ? ? ? ? ? ? WATSON-CRICK ?     ? ? 
hydrog4  hydrog ?    ? A G   4 N1    ? ? ? 1_555 A C   5 N3 ? ? X G   4 X C   5 3_455 ? ? ? ? ? ? WATSON-CRICK ?     ? ? 
hydrog5  hydrog ?    ? A G   4 N2    ? ? ? 1_555 A C   5 O2 ? ? X G   4 X C   5 3_455 ? ? ? ? ? ? WATSON-CRICK ?     ? ? 
hydrog6  hydrog ?    ? A G   4 O6    ? ? ? 1_555 A C   5 N4 ? ? X G   4 X C   5 3_455 ? ? ? ? ? ? WATSON-CRICK ?     ? ? 
hydrog7  hydrog ?    ? A C   5 N3    ? ? ? 1_555 A G   4 N1 ? ? X C   5 X G   4 3_455 ? ? ? ? ? ? WATSON-CRICK ?     ? ? 
hydrog8  hydrog ?    ? A C   5 N4    ? ? ? 1_555 A G   4 O6 ? ? X C   5 X G   4 3_455 ? ? ? ? ? ? WATSON-CRICK ?     ? ? 
hydrog9  hydrog ?    ? A C   5 O2    ? ? ? 1_555 A G   4 N2 ? ? X C   5 X G   4 3_455 ? ? ? ? ? ? WATSON-CRICK ?     ? ? 
hydrog10 hydrog ?    ? A G   6 N1    ? ? ? 1_555 A C   3 N3 ? ? X G   6 X C   3 3_455 ? ? ? ? ? ? WATSON-CRICK ?     ? ? 
hydrog11 hydrog ?    ? A G   6 N2    ? ? ? 1_555 A C   3 O2 ? ? X G   6 X C   3 3_455 ? ? ? ? ? ? WATSON-CRICK ?     ? ? 
hydrog12 hydrog ?    ? A G   6 O6    ? ? ? 1_555 A C   3 N4 ? ? X G   6 X C   3 3_455 ? ? ? ? ? ? WATSON-CRICK ?     ? ? 
# 
loop_
_struct_conn_type.id 
_struct_conn_type.criteria 
_struct_conn_type.reference 
covale ? ? 
hydrog ? ? 
# 
_pdbx_struct_mod_residue.id               1 
_pdbx_struct_mod_residue.label_asym_id    A 
_pdbx_struct_mod_residue.label_comp_id    US5 
_pdbx_struct_mod_residue.label_seq_id     2 
_pdbx_struct_mod_residue.auth_asym_id     X 
_pdbx_struct_mod_residue.auth_comp_id     US5 
_pdbx_struct_mod_residue.auth_seq_id      2 
_pdbx_struct_mod_residue.PDB_ins_code     ? 
_pdbx_struct_mod_residue.parent_comp_id   U 
_pdbx_struct_mod_residue.details          ? 
# 
_pdbx_struct_special_symmetry.id              1 
_pdbx_struct_special_symmetry.PDB_model_num   1 
_pdbx_struct_special_symmetry.auth_asym_id    X 
_pdbx_struct_special_symmetry.auth_comp_id    HOH 
_pdbx_struct_special_symmetry.auth_seq_id     42 
_pdbx_struct_special_symmetry.PDB_ins_code    ? 
_pdbx_struct_special_symmetry.label_asym_id   B 
_pdbx_struct_special_symmetry.label_comp_id   HOH 
_pdbx_struct_special_symmetry.label_seq_id    . 
# 
loop_
_pdbx_refine_tls.pdbx_refine_id 
_pdbx_refine_tls.id 
_pdbx_refine_tls.details 
_pdbx_refine_tls.method 
_pdbx_refine_tls.origin_x 
_pdbx_refine_tls.origin_y 
_pdbx_refine_tls.origin_z 
_pdbx_refine_tls.T[1][1] 
_pdbx_refine_tls.T[2][2] 
_pdbx_refine_tls.T[3][3] 
_pdbx_refine_tls.T[1][2] 
_pdbx_refine_tls.T[1][3] 
_pdbx_refine_tls.T[2][3] 
_pdbx_refine_tls.L[1][1] 
_pdbx_refine_tls.L[2][2] 
_pdbx_refine_tls.L[3][3] 
_pdbx_refine_tls.L[1][2] 
_pdbx_refine_tls.L[1][3] 
_pdbx_refine_tls.L[2][3] 
_pdbx_refine_tls.S[1][1] 
_pdbx_refine_tls.S[1][2] 
_pdbx_refine_tls.S[1][3] 
_pdbx_refine_tls.S[2][1] 
_pdbx_refine_tls.S[2][2] 
_pdbx_refine_tls.S[2][3] 
_pdbx_refine_tls.S[3][1] 
_pdbx_refine_tls.S[3][2] 
_pdbx_refine_tls.S[3][3] 
'X-RAY DIFFRACTION' 1 ? refined -4.5894 -6.8876 3.2280  -0.0052 -0.0231 -0.0121 0.0284  0.0034 -0.0066 13.0694 10.5883 9.3632 -2.1436 -3.3864 -2.8555 -0.1786 -0.1567 0.3974  0.2730  0.2760  -0.0617 -0.1684 -0.1073 -0.0975 
'X-RAY DIFFRACTION' 2 ? refined 1.5570  2.8673  -1.6607 0.0083  -0.0018 -0.0128 -0.0130 0.0172 -0.0018 2.1782  1.5161  3.2885 0.0801  -0.0772 -1.9163 -0.1514 0.0667  -0.0689 -0.2429 -0.0370 -0.1439 -0.0102 0.1956  0.1884 
# 
loop_
_pdbx_refine_tls_group.pdbx_refine_id 
_pdbx_refine_tls_group.id 
_pdbx_refine_tls_group.refine_tls_id 
_pdbx_refine_tls_group.beg_auth_asym_id 
_pdbx_refine_tls_group.beg_auth_seq_id 
_pdbx_refine_tls_group.beg_label_asym_id 
_pdbx_refine_tls_group.beg_label_seq_id 
_pdbx_refine_tls_group.end_auth_asym_id 
_pdbx_refine_tls_group.end_auth_seq_id 
_pdbx_refine_tls_group.end_label_asym_id 
_pdbx_refine_tls_group.end_label_seq_id 
_pdbx_refine_tls_group.selection 
_pdbx_refine_tls_group.selection_details 
'X-RAY DIFFRACTION' 1 1 X 1 ? ? X 2 ? ? ? ? 
'X-RAY DIFFRACTION' 2 2 X 3 ? ? X 6 ? ? ? ? 
# 
_phasing.method   MR 
# 
loop_
_chem_comp_atom.comp_id 
_chem_comp_atom.atom_id 
_chem_comp_atom.type_symbol 
_chem_comp_atom.pdbx_aromatic_flag 
_chem_comp_atom.pdbx_stereo_config 
_chem_comp_atom.pdbx_ordinal 
C   OP3    O  N N 1   
C   P      P  N N 2   
C   OP1    O  N N 3   
C   OP2    O  N N 4   
C   "O5'"  O  N N 5   
C   "C5'"  C  N N 6   
C   "C4'"  C  N R 7   
C   "O4'"  O  N N 8   
C   "C3'"  C  N S 9   
C   "O3'"  O  N N 10  
C   "C2'"  C  N R 11  
C   "O2'"  O  N N 12  
C   "C1'"  C  N R 13  
C   N1     N  N N 14  
C   C2     C  N N 15  
C   O2     O  N N 16  
C   N3     N  N N 17  
C   C4     C  N N 18  
C   N4     N  N N 19  
C   C5     C  N N 20  
C   C6     C  N N 21  
C   HOP3   H  N N 22  
C   HOP2   H  N N 23  
C   "H5'"  H  N N 24  
C   "H5''" H  N N 25  
C   "H4'"  H  N N 26  
C   "H3'"  H  N N 27  
C   "HO3'" H  N N 28  
C   "H2'"  H  N N 29  
C   "HO2'" H  N N 30  
C   "H1'"  H  N N 31  
C   H41    H  N N 32  
C   H42    H  N N 33  
C   H5     H  N N 34  
C   H6     H  N N 35  
G   OP3    O  N N 36  
G   P      P  N N 37  
G   OP1    O  N N 38  
G   OP2    O  N N 39  
G   "O5'"  O  N N 40  
G   "C5'"  C  N N 41  
G   "C4'"  C  N R 42  
G   "O4'"  O  N N 43  
G   "C3'"  C  N S 44  
G   "O3'"  O  N N 45  
G   "C2'"  C  N R 46  
G   "O2'"  O  N N 47  
G   "C1'"  C  N R 48  
G   N9     N  Y N 49  
G   C8     C  Y N 50  
G   N7     N  Y N 51  
G   C5     C  Y N 52  
G   C6     C  N N 53  
G   O6     O  N N 54  
G   N1     N  N N 55  
G   C2     C  N N 56  
G   N2     N  N N 57  
G   N3     N  N N 58  
G   C4     C  Y N 59  
G   HOP3   H  N N 60  
G   HOP2   H  N N 61  
G   "H5'"  H  N N 62  
G   "H5''" H  N N 63  
G   "H4'"  H  N N 64  
G   "H3'"  H  N N 65  
G   "HO3'" H  N N 66  
G   "H2'"  H  N N 67  
G   "HO2'" H  N N 68  
G   "H1'"  H  N N 69  
G   H8     H  N N 70  
G   H1     H  N N 71  
G   H21    H  N N 72  
G   H22    H  N N 73  
HOH O      O  N N 74  
HOH H1     H  N N 75  
HOH H2     H  N N 76  
U   OP3    O  N N 77  
U   P      P  N N 78  
U   OP1    O  N N 79  
U   OP2    O  N N 80  
U   "O5'"  O  N N 81  
U   "C5'"  C  N N 82  
U   "C4'"  C  N R 83  
U   "O4'"  O  N N 84  
U   "C3'"  C  N S 85  
U   "O3'"  O  N N 86  
U   "C2'"  C  N R 87  
U   "O2'"  O  N N 88  
U   "C1'"  C  N R 89  
U   N1     N  N N 90  
U   C2     C  N N 91  
U   O2     O  N N 92  
U   N3     N  N N 93  
U   C4     C  N N 94  
U   O4     O  N N 95  
U   C5     C  N N 96  
U   C6     C  N N 97  
U   HOP3   H  N N 98  
U   HOP2   H  N N 99  
U   "H5'"  H  N N 100 
U   "H5''" H  N N 101 
U   "H4'"  H  N N 102 
U   "H3'"  H  N N 103 
U   "HO3'" H  N N 104 
U   "H2'"  H  N N 105 
U   "HO2'" H  N N 106 
U   "H1'"  H  N N 107 
U   H3     H  N N 108 
U   H5     H  N N 109 
U   H6     H  N N 110 
US5 P      P  N N 111 
US5 N1     N  N N 112 
US5 C2     C  N N 113 
US5 O2     O  N N 114 
US5 N3     N  N N 115 
US5 C4     C  N N 116 
US5 SE4    SE N N 117 
US5 C5     C  N N 118 
US5 C6     C  N N 119 
US5 "C1'"  C  N R 120 
US5 OP3    O  N N 121 
US5 "C2'"  C  N R 122 
US5 "O2'"  O  N N 123 
US5 O2P    O  N N 124 
US5 "C3'"  C  N S 125 
US5 "O3'"  O  N N 126 
US5 "C4'"  C  N R 127 
US5 "O4'"  O  N N 128 
US5 "C5'"  C  N N 129 
US5 "O5'"  O  N N 130 
US5 H5     H  N N 131 
US5 H6     H  N N 132 
US5 "H1'"  H  N N 133 
US5 HOP3   H  N N 134 
US5 "H2'"  H  N N 135 
US5 "HO2'" H  N N 136 
US5 HO2P   H  N N 137 
US5 "H3'"  H  N N 138 
US5 "HO3'" H  N N 139 
US5 "H4'"  H  N N 140 
US5 "H5'"  H  N N 141 
US5 "H5'A" H  N N 142 
US5 HSE4   H  N N 143 
US5 OP1    O  N N 144 
# 
loop_
_chem_comp_bond.comp_id 
_chem_comp_bond.atom_id_1 
_chem_comp_bond.atom_id_2 
_chem_comp_bond.value_order 
_chem_comp_bond.pdbx_aromatic_flag 
_chem_comp_bond.pdbx_stereo_config 
_chem_comp_bond.pdbx_ordinal 
C   OP3   P      sing N N 1   
C   OP3   HOP3   sing N N 2   
C   P     OP1    doub N N 3   
C   P     OP2    sing N N 4   
C   P     "O5'"  sing N N 5   
C   OP2   HOP2   sing N N 6   
C   "O5'" "C5'"  sing N N 7   
C   "C5'" "C4'"  sing N N 8   
C   "C5'" "H5'"  sing N N 9   
C   "C5'" "H5''" sing N N 10  
C   "C4'" "O4'"  sing N N 11  
C   "C4'" "C3'"  sing N N 12  
C   "C4'" "H4'"  sing N N 13  
C   "O4'" "C1'"  sing N N 14  
C   "C3'" "O3'"  sing N N 15  
C   "C3'" "C2'"  sing N N 16  
C   "C3'" "H3'"  sing N N 17  
C   "O3'" "HO3'" sing N N 18  
C   "C2'" "O2'"  sing N N 19  
C   "C2'" "C1'"  sing N N 20  
C   "C2'" "H2'"  sing N N 21  
C   "O2'" "HO2'" sing N N 22  
C   "C1'" N1     sing N N 23  
C   "C1'" "H1'"  sing N N 24  
C   N1    C2     sing N N 25  
C   N1    C6     sing N N 26  
C   C2    O2     doub N N 27  
C   C2    N3     sing N N 28  
C   N3    C4     doub N N 29  
C   C4    N4     sing N N 30  
C   C4    C5     sing N N 31  
C   N4    H41    sing N N 32  
C   N4    H42    sing N N 33  
C   C5    C6     doub N N 34  
C   C5    H5     sing N N 35  
C   C6    H6     sing N N 36  
G   OP3   P      sing N N 37  
G   OP3   HOP3   sing N N 38  
G   P     OP1    doub N N 39  
G   P     OP2    sing N N 40  
G   P     "O5'"  sing N N 41  
G   OP2   HOP2   sing N N 42  
G   "O5'" "C5'"  sing N N 43  
G   "C5'" "C4'"  sing N N 44  
G   "C5'" "H5'"  sing N N 45  
G   "C5'" "H5''" sing N N 46  
G   "C4'" "O4'"  sing N N 47  
G   "C4'" "C3'"  sing N N 48  
G   "C4'" "H4'"  sing N N 49  
G   "O4'" "C1'"  sing N N 50  
G   "C3'" "O3'"  sing N N 51  
G   "C3'" "C2'"  sing N N 52  
G   "C3'" "H3'"  sing N N 53  
G   "O3'" "HO3'" sing N N 54  
G   "C2'" "O2'"  sing N N 55  
G   "C2'" "C1'"  sing N N 56  
G   "C2'" "H2'"  sing N N 57  
G   "O2'" "HO2'" sing N N 58  
G   "C1'" N9     sing N N 59  
G   "C1'" "H1'"  sing N N 60  
G   N9    C8     sing Y N 61  
G   N9    C4     sing Y N 62  
G   C8    N7     doub Y N 63  
G   C8    H8     sing N N 64  
G   N7    C5     sing Y N 65  
G   C5    C6     sing N N 66  
G   C5    C4     doub Y N 67  
G   C6    O6     doub N N 68  
G   C6    N1     sing N N 69  
G   N1    C2     sing N N 70  
G   N1    H1     sing N N 71  
G   C2    N2     sing N N 72  
G   C2    N3     doub N N 73  
G   N2    H21    sing N N 74  
G   N2    H22    sing N N 75  
G   N3    C4     sing N N 76  
HOH O     H1     sing N N 77  
HOH O     H2     sing N N 78  
U   OP3   P      sing N N 79  
U   OP3   HOP3   sing N N 80  
U   P     OP1    doub N N 81  
U   P     OP2    sing N N 82  
U   P     "O5'"  sing N N 83  
U   OP2   HOP2   sing N N 84  
U   "O5'" "C5'"  sing N N 85  
U   "C5'" "C4'"  sing N N 86  
U   "C5'" "H5'"  sing N N 87  
U   "C5'" "H5''" sing N N 88  
U   "C4'" "O4'"  sing N N 89  
U   "C4'" "C3'"  sing N N 90  
U   "C4'" "H4'"  sing N N 91  
U   "O4'" "C1'"  sing N N 92  
U   "C3'" "O3'"  sing N N 93  
U   "C3'" "C2'"  sing N N 94  
U   "C3'" "H3'"  sing N N 95  
U   "O3'" "HO3'" sing N N 96  
U   "C2'" "O2'"  sing N N 97  
U   "C2'" "C1'"  sing N N 98  
U   "C2'" "H2'"  sing N N 99  
U   "O2'" "HO2'" sing N N 100 
U   "C1'" N1     sing N N 101 
U   "C1'" "H1'"  sing N N 102 
U   N1    C2     sing N N 103 
U   N1    C6     sing N N 104 
U   C2    O2     doub N N 105 
U   C2    N3     sing N N 106 
U   N3    C4     sing N N 107 
U   N3    H3     sing N N 108 
U   C4    O4     doub N N 109 
U   C4    C5     sing N N 110 
U   C5    C6     doub N N 111 
U   C5    H5     sing N N 112 
U   C6    H6     sing N N 113 
US5 P     "O5'"  sing N N 114 
US5 P     O2P    sing N N 115 
US5 N1    C2     sing N N 116 
US5 C2    O2     doub N N 117 
US5 C2    N3     sing N N 118 
US5 C4    N3     doub N N 119 
US5 C4    SE4    sing N N 120 
US5 SE4   HSE4   sing N N 121 
US5 C5    C4     sing N N 122 
US5 C5    H5     sing N N 123 
US5 C6    N1     sing N N 124 
US5 C6    C5     doub N N 125 
US5 C6    H6     sing N N 126 
US5 "C1'" N1     sing N N 127 
US5 "C1'" "H1'"  sing N N 128 
US5 OP3   P      sing N N 129 
US5 OP3   HOP3   sing N N 130 
US5 "C2'" "C1'"  sing N N 131 
US5 "C2'" "H2'"  sing N N 132 
US5 "O2'" "C2'"  sing N N 133 
US5 "O2'" "HO2'" sing N N 134 
US5 O2P   HO2P   sing N N 135 
US5 "C3'" "C2'"  sing N N 136 
US5 "C3'" "C4'"  sing N N 137 
US5 "C3'" "H3'"  sing N N 138 
US5 "O3'" "C3'"  sing N N 139 
US5 "O3'" "HO3'" sing N N 140 
US5 "C4'" "O4'"  sing N N 141 
US5 "C4'" "H4'"  sing N N 142 
US5 "O4'" "C1'"  sing N N 143 
US5 "C5'" "C4'"  sing N N 144 
US5 "C5'" "O5'"  sing N N 145 
US5 "C5'" "H5'"  sing N N 146 
US5 "C5'" "H5'A" sing N N 147 
US5 P     OP1    doub N N 148 
# 
_ndb_struct_conf_na.entry_id   3HGA 
_ndb_struct_conf_na.feature    'a-form double helix' 
# 
loop_
_ndb_struct_na_base_pair.model_number 
_ndb_struct_na_base_pair.i_label_asym_id 
_ndb_struct_na_base_pair.i_label_comp_id 
_ndb_struct_na_base_pair.i_label_seq_id 
_ndb_struct_na_base_pair.i_symmetry 
_ndb_struct_na_base_pair.j_label_asym_id 
_ndb_struct_na_base_pair.j_label_comp_id 
_ndb_struct_na_base_pair.j_label_seq_id 
_ndb_struct_na_base_pair.j_symmetry 
_ndb_struct_na_base_pair.shear 
_ndb_struct_na_base_pair.stretch 
_ndb_struct_na_base_pair.stagger 
_ndb_struct_na_base_pair.buckle 
_ndb_struct_na_base_pair.propeller 
_ndb_struct_na_base_pair.opening 
_ndb_struct_na_base_pair.pair_number 
_ndb_struct_na_base_pair.pair_name 
_ndb_struct_na_base_pair.i_auth_asym_id 
_ndb_struct_na_base_pair.i_auth_seq_id 
_ndb_struct_na_base_pair.i_PDB_ins_code 
_ndb_struct_na_base_pair.j_auth_asym_id 
_ndb_struct_na_base_pair.j_auth_seq_id 
_ndb_struct_na_base_pair.j_PDB_ins_code 
_ndb_struct_na_base_pair.hbond_type_28 
_ndb_struct_na_base_pair.hbond_type_12 
1 A C 3 1_555 A G 6 3_455 0.146  -0.124 0.084 4.589  -18.234 -0.422 1 X_C3:G6_X X 3 ? X 6 ? 19 1 
1 A G 4 1_555 A C 5 3_455 -0.175 -0.165 0.060 -1.491 -15.464 -0.448 2 X_G4:C5_X X 4 ? X 5 ? 19 1 
1 A C 5 1_555 A G 4 3_455 0.175  -0.165 0.060 1.491  -15.464 -0.448 3 X_C5:G4_X X 5 ? X 4 ? 19 1 
1 A G 6 1_555 A C 3 3_455 -0.146 -0.124 0.084 -4.589 -18.234 -0.422 4 X_G6:C3_X X 6 ? X 3 ? 19 1 
# 
loop_
_ndb_struct_na_base_pair_step.model_number 
_ndb_struct_na_base_pair_step.i_label_asym_id_1 
_ndb_struct_na_base_pair_step.i_label_comp_id_1 
_ndb_struct_na_base_pair_step.i_label_seq_id_1 
_ndb_struct_na_base_pair_step.i_symmetry_1 
_ndb_struct_na_base_pair_step.j_label_asym_id_1 
_ndb_struct_na_base_pair_step.j_label_comp_id_1 
_ndb_struct_na_base_pair_step.j_label_seq_id_1 
_ndb_struct_na_base_pair_step.j_symmetry_1 
_ndb_struct_na_base_pair_step.i_label_asym_id_2 
_ndb_struct_na_base_pair_step.i_label_comp_id_2 
_ndb_struct_na_base_pair_step.i_label_seq_id_2 
_ndb_struct_na_base_pair_step.i_symmetry_2 
_ndb_struct_na_base_pair_step.j_label_asym_id_2 
_ndb_struct_na_base_pair_step.j_label_comp_id_2 
_ndb_struct_na_base_pair_step.j_label_seq_id_2 
_ndb_struct_na_base_pair_step.j_symmetry_2 
_ndb_struct_na_base_pair_step.shift 
_ndb_struct_na_base_pair_step.slide 
_ndb_struct_na_base_pair_step.rise 
_ndb_struct_na_base_pair_step.tilt 
_ndb_struct_na_base_pair_step.roll 
_ndb_struct_na_base_pair_step.twist 
_ndb_struct_na_base_pair_step.x_displacement 
_ndb_struct_na_base_pair_step.y_displacement 
_ndb_struct_na_base_pair_step.helical_rise 
_ndb_struct_na_base_pair_step.inclination 
_ndb_struct_na_base_pair_step.tip 
_ndb_struct_na_base_pair_step.helical_twist 
_ndb_struct_na_base_pair_step.step_number 
_ndb_struct_na_base_pair_step.step_name 
_ndb_struct_na_base_pair_step.i_auth_asym_id_1 
_ndb_struct_na_base_pair_step.i_auth_seq_id_1 
_ndb_struct_na_base_pair_step.i_PDB_ins_code_1 
_ndb_struct_na_base_pair_step.j_auth_asym_id_1 
_ndb_struct_na_base_pair_step.j_auth_seq_id_1 
_ndb_struct_na_base_pair_step.j_PDB_ins_code_1 
_ndb_struct_na_base_pair_step.i_auth_asym_id_2 
_ndb_struct_na_base_pair_step.i_auth_seq_id_2 
_ndb_struct_na_base_pair_step.i_PDB_ins_code_2 
_ndb_struct_na_base_pair_step.j_auth_asym_id_2 
_ndb_struct_na_base_pair_step.j_auth_seq_id_2 
_ndb_struct_na_base_pair_step.j_PDB_ins_code_2 
1 A C 3 1_555 A G 6 3_455 A G 4 1_555 A C 5 3_455 -0.316 -1.736 3.221 -1.508 15.481 30.886 -5.015 0.330  2.146 27.026 2.632  
34.496 1 XX_C3G4:C5G6_XX X 3 ? X 6 ? X 4 ? X 5 ? 
1 A G 4 1_555 A C 5 3_455 A C 5 1_555 A G 4 3_455 0.000  -1.042 3.232 0.000  6.241  33.650 -2.718 0.000  2.996 10.667 0.000  
34.207 2 XX_G4C5:G4C5_XX X 4 ? X 5 ? X 5 ? X 4 ? 
1 A C 5 1_555 A G 4 3_455 A G 6 1_555 A C 3 3_455 0.316  -1.736 3.221 1.508  15.481 30.886 -5.015 -0.330 2.146 27.026 -2.632 
34.496 3 XX_C5G6:C3G4_XX X 5 ? X 4 ? X 6 ? X 3 ? 
# 
_atom_sites.entry_id                    3HGA 
_atom_sites.fract_transf_matrix[1][1]   -0.00520249 
_atom_sites.fract_transf_matrix[1][2]   -0.01574235 
_atom_sites.fract_transf_matrix[1][3]   -0.02859279 
_atom_sites.fract_transf_matrix[2][1]   0.00293149 
_atom_sites.fract_transf_matrix[2][2]   -0.02579897 
_atom_sites.fract_transf_matrix[2][3]   0.01367077 
_atom_sites.fract_transf_matrix[3][1]   -0.03395902 
_atom_sites.fract_transf_matrix[3][2]   -0.00045252 
_atom_sites.fract_transf_matrix[3][3]   0.00642802 
_atom_sites.fract_transf_vector[1]      -0.368092 
_atom_sites.fract_transf_vector[2]      -0.080450 
_atom_sites.fract_transf_vector[3]      0.234980 
# 
loop_
_atom_type.symbol 
C  
N  
O  
P  
SE 
# 
loop_
_atom_site.group_PDB 
_atom_site.id 
_atom_site.type_symbol 
_atom_site.label_atom_id 
_atom_site.label_alt_id 
_atom_site.label_comp_id 
_atom_site.label_asym_id 
_atom_site.label_entity_id 
_atom_site.label_seq_id 
_atom_site.pdbx_PDB_ins_code 
_atom_site.Cartn_x 
_atom_site.Cartn_y 
_atom_site.Cartn_z 
_atom_site.occupancy 
_atom_site.B_iso_or_equiv 
_atom_site.pdbx_formal_charge 
_atom_site.auth_seq_id 
_atom_site.auth_comp_id 
_atom_site.auth_asym_id 
_atom_site.auth_atom_id 
_atom_site.pdbx_PDB_model_num 
ATOM   1   O  "O5'" . U   A 1 1 ? -4.874 -5.115  6.608  1.00 15.99 ? 1  U   X "O5'" 1 
ATOM   2   C  "C5'" . U   A 1 1 ? -4.497 -6.128  7.535  1.00 15.14 ? 1  U   X "C5'" 1 
ATOM   3   C  "C4'" . U   A 1 1 ? -4.691 -7.506  6.933  1.00 15.00 ? 1  U   X "C4'" 1 
ATOM   4   O  "O4'" . U   A 1 1 ? -6.089 -7.699  6.601  1.00 14.74 ? 1  U   X "O4'" 1 
ATOM   5   C  "C3'" . U   A 1 1 ? -3.972 -7.748  5.615  1.00 15.20 ? 1  U   X "C3'" 1 
ATOM   6   O  "O3'" . U   A 1 1 ? -2.620 -8.125  5.827  1.00 15.31 ? 1  U   X "O3'" 1 
ATOM   7   C  "C2'" . U   A 1 1 ? -4.792 -8.892  5.033  1.00 15.14 ? 1  U   X "C2'" 1 
ATOM   8   O  "O2'" . U   A 1 1 ? -4.502 -10.142 5.630  1.00 15.44 ? 1  U   X "O2'" 1 
ATOM   9   C  "C1'" . U   A 1 1 ? -6.206 -8.445  5.401  1.00 15.07 ? 1  U   X "C1'" 1 
ATOM   10  N  N1    . U   A 1 1 ? -6.884 -7.640  4.319  1.00 14.97 ? 1  U   X N1    1 
ATOM   11  C  C2    . U   A 1 1 ? -7.326 -8.289  3.172  1.00 15.51 ? 1  U   X C2    1 
ATOM   12  O  O2    . U   A 1 1 ? -7.196 -9.487  2.983  1.00 16.07 ? 1  U   X O2    1 
ATOM   13  N  N3    . U   A 1 1 ? -7.929 -7.477  2.240  1.00 15.51 ? 1  U   X N3    1 
ATOM   14  C  C4    . U   A 1 1 ? -8.140 -6.109  2.337  1.00 15.04 ? 1  U   X C4    1 
ATOM   15  O  O4    . U   A 1 1 ? -8.696 -5.509  1.421  1.00 15.15 ? 1  U   X O4    1 
ATOM   16  C  C5    . U   A 1 1 ? -7.658 -5.508  3.556  1.00 15.18 ? 1  U   X C5    1 
ATOM   17  C  C6    . U   A 1 1 ? -7.063 -6.276  4.479  1.00 14.96 ? 1  U   X C6    1 
HETATM 18  P  P     . US5 A 1 2 ? -1.426 -7.305  5.143  1.00 15.27 ? 2  US5 X P     1 
HETATM 19  N  N1    . US5 A 1 2 ? -4.630 -5.946  1.315  1.00 17.43 ? 2  US5 X N1    1 
HETATM 20  C  C2    . US5 A 1 2 ? -5.430 -5.088  0.576  1.00 17.82 ? 2  US5 X C2    1 
HETATM 21  O  O2    . US5 A 1 2 ? -5.886 -5.362  -0.518 1.00 18.01 ? 2  US5 X O2    1 
HETATM 22  N  N3    . US5 A 1 2 ? -5.686 -3.886  1.186  1.00 17.52 ? 2  US5 X N3    1 
HETATM 23  C  C4    . US5 A 1 2 ? -5.214 -3.487  2.424  1.00 18.19 ? 2  US5 X C4    1 
HETATM 24  SE SE4   . US5 A 1 2 ? -5.631 -1.958  3.034  0.50 20.83 ? 2  US5 X SE4   1 
HETATM 25  C  C5    . US5 A 1 2 ? -4.379 -4.413  3.134  1.00 17.78 ? 2  US5 X C5    1 
HETATM 26  C  C6    . US5 A 1 2 ? -4.128 -5.587  2.557  1.00 17.69 ? 2  US5 X C6    1 
HETATM 27  C  "C1'" . US5 A 1 2 ? -4.274 -7.281  0.741  1.00 17.28 ? 2  US5 X "C1'" 1 
HETATM 28  C  "C2'" . US5 A 1 2 ? -3.142 -7.156  -0.273 1.00 16.18 ? 2  US5 X "C2'" 1 
HETATM 29  O  "O2'" . US5 A 1 2 ? -3.233 -8.167  -1.254 1.00 15.74 ? 2  US5 X "O2'" 1 
HETATM 30  O  O2P   . US5 A 1 2 ? -1.538 -5.888  5.549  1.00 16.29 ? 2  US5 X O2P   1 
HETATM 31  C  "C3'" . US5 A 1 2 ? -1.933 -7.307  0.643  1.00 15.78 ? 2  US5 X "C3'" 1 
HETATM 32  O  "O3'" . US5 A 1 2 ? -0.750 -7.630  -0.064 1.00 15.43 ? 2  US5 X "O3'" 1 
HETATM 33  C  "C4'" . US5 A 1 2 ? -2.399 -8.455  1.524  1.00 15.79 ? 2  US5 X "C4'" 1 
HETATM 34  O  "O4'" . US5 A 1 2 ? -3.803 -8.153  1.754  1.00 16.30 ? 2  US5 X "O4'" 1 
HETATM 35  C  "C5'" . US5 A 1 2 ? -1.676 -8.588  2.851  1.00 15.13 ? 2  US5 X "C5'" 1 
HETATM 36  O  "O5'" . US5 A 1 2 ? -1.734 -7.364  3.577  1.00 15.43 ? 2  US5 X "O5'" 1 
HETATM 37  O  OP1   . US5 A 1 2 ? -0.178 -8.047  5.421  1.00 15.95 ? 2  US5 X OP1   1 
ATOM   38  P  P     . C   A 1 3 ? 0.304  -6.477  -0.419 1.00 15.45 ? 3  C   X P     1 
ATOM   39  O  OP1   . C   A 1 3 ? 1.389  -7.108  -1.203 1.00 16.41 ? 3  C   X OP1   1 
ATOM   40  O  OP2   . C   A 1 3 ? 0.640  -5.737  0.818  1.00 16.36 ? 3  C   X OP2   1 
ATOM   41  O  "O5'" . C   A 1 3 ? -0.518 -5.470  -1.351 1.00 15.17 ? 3  C   X "O5'" 1 
ATOM   42  C  "C5'" . C   A 1 3 ? -0.950 -5.841  -2.659 1.00 15.24 ? 3  C   X "C5'" 1 
ATOM   43  C  "C4'" . C   A 1 3 ? -1.741 -4.713  -3.292 1.00 15.30 ? 3  C   X "C4'" 1 
ATOM   44  O  "O4'" . C   A 1 3 ? -2.900 -4.380  -2.483 1.00 15.58 ? 3  C   X "O4'" 1 
ATOM   45  C  "C3'" . C   A 1 3 ? -0.997 -3.390  -3.378 1.00 15.53 ? 3  C   X "C3'" 1 
ATOM   46  O  "O3'" . C   A 1 3 ? -0.042 -3.407  -4.430 1.00 16.13 ? 3  C   X "O3'" 1 
ATOM   47  C  "C2'" . C   A 1 3 ? -2.164 -2.439  -3.613 1.00 15.62 ? 3  C   X "C2'" 1 
ATOM   48  O  "O2'" . C   A 1 3 ? -2.698 -2.504  -4.921 1.00 16.10 ? 3  C   X "O2'" 1 
ATOM   49  C  "C1'" . C   A 1 3 ? -3.161 -2.989  -2.594 1.00 15.50 ? 3  C   X "C1'" 1 
ATOM   50  N  N1    . C   A 1 3 ? -3.053 -2.313  -1.248 1.00 15.28 ? 3  C   X N1    1 
ATOM   51  C  C2    . C   A 1 3 ? -3.608 -1.030  -1.071 1.00 15.37 ? 3  C   X C2    1 
ATOM   52  O  O2    . C   A 1 3 ? -4.185 -0.472  -2.014 1.00 16.06 ? 3  C   X O2    1 
ATOM   53  N  N3    . C   A 1 3 ? -3.498 -0.430  0.144  1.00 15.64 ? 3  C   X N3    1 
ATOM   54  C  C4    . C   A 1 3 ? -2.867 -1.044  1.150  1.00 15.61 ? 3  C   X C4    1 
ATOM   55  N  N4    . C   A 1 3 ? -2.793 -0.402  2.318  1.00 15.93 ? 3  C   X N4    1 
ATOM   56  C  C5    . C   A 1 3 ? -2.291 -2.344  0.995  1.00 15.46 ? 3  C   X C5    1 
ATOM   57  C  C6    . C   A 1 3 ? -2.406 -2.929  -0.206 1.00 15.17 ? 3  C   X C6    1 
ATOM   58  P  P     . G   A 1 4 ? 1.322  -2.572  -4.297 1.00 16.52 ? 4  G   X P     1 
ATOM   59  O  OP1   . G   A 1 4 ? 2.206  -2.976  -5.407 1.00 16.90 ? 4  G   X OP1   1 
ATOM   60  O  OP2   . G   A 1 4 ? 1.827  -2.650  -2.908 1.00 16.68 ? 4  G   X OP2   1 
ATOM   61  O  "O5'" . G   A 1 4 ? 0.825  -1.072  -4.523 1.00 15.12 ? 4  G   X "O5'" 1 
ATOM   62  C  "C5'" . G   A 1 4 ? 0.288  -0.663  -5.776 1.00 14.80 ? 4  G   X "C5'" 1 
ATOM   63  C  "C4'" . G   A 1 4 ? -0.142 0.788   -5.683 1.00 14.12 ? 4  G   X "C4'" 1 
ATOM   64  O  "O4'" . G   A 1 4 ? -1.236 0.918   -4.741 1.00 14.30 ? 4  G   X "O4'" 1 
ATOM   65  C  "C3'" . G   A 1 4 ? 0.910  1.726   -5.114 1.00 13.67 ? 4  G   X "C3'" 1 
ATOM   66  O  "O3'" . G   A 1 4 ? 1.879  2.066   -6.097 1.00 13.47 ? 4  G   X "O3'" 1 
ATOM   67  C  "C2'" . G   A 1 4 ? 0.045  2.907   -4.691 1.00 13.82 ? 4  G   X "C2'" 1 
ATOM   68  O  "O2'" . G   A 1 4 ? -0.384 3.704   -5.778 1.00 14.38 ? 4  G   X "O2'" 1 
ATOM   69  C  "C1'" . G   A 1 4 ? -1.145 2.170   -4.084 1.00 14.04 ? 4  G   X "C1'" 1 
ATOM   70  N  N9    . G   A 1 4 ? -1.029 1.952   -2.643 1.00 13.88 ? 4  G   X N9    1 
ATOM   71  C  C8    . G   A 1 4 ? -0.648 0.800   -1.994 1.00 13.76 ? 4  G   X C8    1 
ATOM   72  N  N7    . G   A 1 4 ? -0.643 0.917   -0.694 1.00 13.63 ? 4  G   X N7    1 
ATOM   73  C  C5    . G   A 1 4 ? -1.045 2.226   -0.470 1.00 13.72 ? 4  G   X C5    1 
ATOM   74  C  C6    . G   A 1 4 ? -1.230 2.930   0.744  1.00 13.82 ? 4  G   X C6    1 
ATOM   75  O  O6    . G   A 1 4 ? -1.072 2.507   1.897  1.00 13.80 ? 4  G   X O6    1 
ATOM   76  N  N1    . G   A 1 4 ? -1.644 4.249   0.531  1.00 13.68 ? 4  G   X N1    1 
ATOM   77  C  C2    . G   A 1 4 ? -1.852 4.816   -0.707 1.00 13.92 ? 4  G   X C2    1 
ATOM   78  N  N2    . G   A 1 4 ? -2.251 6.096   -0.718 1.00 14.07 ? 4  G   X N2    1 
ATOM   79  N  N3    . G   A 1 4 ? -1.686 4.163   -1.854 1.00 13.60 ? 4  G   X N3    1 
ATOM   80  C  C4    . G   A 1 4 ? -1.285 2.880   -1.660 1.00 13.78 ? 4  G   X C4    1 
ATOM   81  P  P     . C   A 1 5 ? 3.407  2.319   -5.684 1.00 13.70 ? 5  C   X P     1 
ATOM   82  O  OP1   . C   A 1 5 ? 4.216  2.262   -6.923 1.00 13.93 ? 5  C   X OP1   1 
ATOM   83  O  OP2   . C   A 1 5 ? 3.761  1.453   -4.535 1.00 13.98 ? 5  C   X OP2   1 
ATOM   84  O  "O5'" . C   A 1 5 ? 3.390  3.817   -5.137 1.00 13.78 ? 5  C   X "O5'" 1 
ATOM   85  C  "C5'" . C   A 1 5 ? 3.034  4.911   -5.970 1.00 14.27 ? 5  C   X "C5'" 1 
ATOM   86  C  "C4'" . C   A 1 5 ? 2.673  6.116   -5.123 1.00 14.34 ? 5  C   X "C4'" 1 
ATOM   87  O  "O4'" . C   A 1 5 ? 1.578  5.778   -4.235 1.00 13.94 ? 5  C   X "O4'" 1 
ATOM   88  C  "C3'" . C   A 1 5 ? 3.763  6.579   -4.168 1.00 14.75 ? 5  C   X "C3'" 1 
ATOM   89  O  "O3'" . C   A 1 5 ? 4.724  7.385   -4.834 1.00 15.83 ? 5  C   X "O3'" 1 
ATOM   90  C  "C2'" . C   A 1 5 ? 2.946  7.365   -3.147 1.00 14.34 ? 5  C   X "C2'" 1 
ATOM   91  O  "O2'" . C   A 1 5 ? 2.566  8.640   -3.628 1.00 14.16 ? 5  C   X "O2'" 1 
ATOM   92  C  "C1'" . C   A 1 5 ? 1.729  6.458   -2.998 1.00 13.98 ? 5  C   X "C1'" 1 
ATOM   93  N  N1    . C   A 1 5 ? 1.850  5.471   -1.865 1.00 13.55 ? 5  C   X N1    1 
ATOM   94  C  C2    . C   A 1 5 ? 1.587  5.894   -0.550 1.00 13.68 ? 5  C   X C2    1 
ATOM   95  O  O2    . C   A 1 5 ? 1.261  7.072   -0.339 1.00 14.25 ? 5  C   X O2    1 
ATOM   96  N  N3    . C   A 1 5 ? 1.699  4.992   0.465  1.00 13.53 ? 5  C   X N3    1 
ATOM   97  C  C4    . C   A 1 5 ? 2.059  3.726   0.211  1.00 13.57 ? 5  C   X C4    1 
ATOM   98  N  N4    . C   A 1 5 ? 2.156  2.877   1.240  1.00 14.00 ? 5  C   X N4    1 
ATOM   99  C  C5    . C   A 1 5 ? 2.333  3.274   -1.116 1.00 13.93 ? 5  C   X C5    1 
ATOM   100 C  C6    . C   A 1 5 ? 2.219  4.170   -2.105 1.00 13.61 ? 5  C   X C6    1 
ATOM   101 P  P     . G   A 1 6 ? 6.246  7.376   -4.334 1.00 17.93 ? 6  G   X P     1 
ATOM   102 O  OP1   . G   A 1 6 ? 6.999  8.294   -5.215 1.00 18.20 ? 6  G   X OP1   1 
ATOM   103 O  OP2   . G   A 1 6 ? 6.684  5.972   -4.189 1.00 17.83 ? 6  G   X OP2   1 
ATOM   104 O  "O5'" . G   A 1 6 ? 6.157  7.997   -2.862 1.00 16.98 ? 6  G   X "O5'" 1 
ATOM   105 C  "C5'" . G   A 1 6 ? 5.940  9.394   -2.690 1.00 16.78 ? 6  G   X "C5'" 1 
ATOM   106 C  "C4'" . G   A 1 6 ? 5.785  9.748   -1.225 1.00 16.22 ? 6  G   X "C4'" 1 
ATOM   107 O  "O4'" . G   A 1 6 ? 4.718  8.973   -0.624 1.00 15.63 ? 6  G   X "O4'" 1 
ATOM   108 C  "C3'" . G   A 1 6 ? 6.984  9.424   -0.349 1.00 16.25 ? 6  G   X "C3'" 1 
ATOM   109 O  "O3'" . G   A 1 6 ? 7.990  10.412  -0.509 1.00 17.20 ? 6  G   X "O3'" 1 
ATOM   110 C  "C2'" . G   A 1 6 ? 6.345  9.465   1.036  1.00 15.88 ? 6  G   X "C2'" 1 
ATOM   111 O  "O2'" . G   A 1 6 ? 6.185  10.784  1.525  1.00 16.79 ? 6  G   X "O2'" 1 
ATOM   112 C  "C1'" . G   A 1 6 ? 4.984  8.824   0.763  1.00 14.58 ? 6  G   X "C1'" 1 
ATOM   113 N  N9    . G   A 1 6 ? 4.936  7.408   1.130  1.00 14.05 ? 6  G   X N9    1 
ATOM   114 C  C8    . G   A 1 6 ? 5.073  6.318   0.300  1.00 13.87 ? 6  G   X C8    1 
ATOM   115 N  N7    . G   A 1 6 ? 4.995  5.173   0.919  1.00 13.51 ? 6  G   X N7    1 
ATOM   116 C  C5    . G   A 1 6 ? 4.788  5.521   2.248  1.00 13.28 ? 6  G   X C5    1 
ATOM   117 C  C6    . G   A 1 6 ? 4.626  4.710   3.401  1.00 13.45 ? 6  G   X C6    1 
ATOM   118 O  O6    . G   A 1 6 ? 4.626  3.473   3.477  1.00 13.89 ? 6  G   X O6    1 
ATOM   119 N  N1    . G   A 1 6 ? 4.444  5.471   4.558  1.00 13.69 ? 6  G   X N1    1 
ATOM   120 C  C2    . G   A 1 6 ? 4.429  6.848   4.604  1.00 13.58 ? 6  G   X C2    1 
ATOM   121 N  N2    . G   A 1 6 ? 4.247  7.412   5.808  1.00 13.62 ? 6  G   X N2    1 
ATOM   122 N  N3    . G   A 1 6 ? 4.579  7.617   3.532  1.00 13.38 ? 6  G   X N3    1 
ATOM   123 C  C4    . G   A 1 6 ? 4.752  6.893   2.393  1.00 13.66 ? 6  G   X C4    1 
HETATM 124 O  O     . HOH B 2 . ? 5.817  2.689   -0.200 1.00 24.40 ? 7  HOH X O     1 
HETATM 125 O  O     . HOH B 2 . ? 5.695  2.835   -2.932 1.00 27.93 ? 8  HOH X O     1 
HETATM 126 O  O     . HOH B 2 . ? 3.221  -0.153  -2.336 1.00 22.51 ? 9  HOH X O     1 
HETATM 127 O  O     . HOH B 2 . ? 0.859  -0.703  1.170  1.00 20.32 ? 10 HOH X O     1 
HETATM 128 O  O     . HOH B 2 . ? 1.576  -3.142  -0.197 1.00 22.39 ? 11 HOH X O     1 
HETATM 129 O  O     . HOH B 2 . ? -0.293 -4.400  3.170  1.00 25.37 ? 12 HOH X O     1 
HETATM 130 O  O     . HOH B 2 . ? -1.766 5.646   -4.344 1.00 18.75 ? 14 HOH X O     1 
HETATM 131 O  O     . HOH B 2 . ? 3.486  0.336   0.381  1.00 24.72 ? 15 HOH X O     1 
HETATM 132 O  O     . HOH B 2 . ? -0.951 -1.649  4.283  1.00 28.19 ? 16 HOH X O     1 
HETATM 133 O  O     . HOH B 2 . ? -7.334 -4.170  -2.565 1.00 19.36 ? 17 HOH X O     1 
HETATM 134 O  O     . HOH B 2 . ? -1.309 -10.014 -2.274 1.00 19.90 ? 18 HOH X O     1 
HETATM 135 O  O     . HOH B 2 . ? -5.741 -8.626  -2.426 1.00 30.32 ? 19 HOH X O     1 
HETATM 136 O  O     . HOH B 2 . ? 6.965  8.441   -7.920 1.00 34.42 ? 20 HOH X O     1 
HETATM 137 O  O     . HOH B 2 . ? -8.404 -11.937 2.971  1.00 32.30 ? 21 HOH X O     1 
HETATM 138 O  O     . HOH B 2 . ? -2.519 -3.535  6.510  1.00 48.92 ? 22 HOH X O     1 
HETATM 139 O  O     . HOH B 2 . ? -5.677 -2.659  7.369  1.00 53.36 ? 23 HOH X O     1 
HETATM 140 O  O     . HOH B 2 . ? -4.520 -0.892  5.294  1.00 45.38 ? 24 HOH X O     1 
HETATM 141 O  O     . HOH B 2 . ? 3.057  0.138   3.022  1.00 39.96 ? 25 HOH X O     1 
HETATM 142 O  O     . HOH B 2 . ? 8.113  5.908   -1.861 1.00 34.32 ? 26 HOH X O     1 
HETATM 143 O  O     . HOH B 2 . ? 10.374 7.367   -1.500 1.00 49.05 ? 27 HOH X O     1 
HETATM 144 O  O     . HOH B 2 . ? -4.526 -0.359  -5.054 1.00 31.76 ? 29 HOH X O     1 
HETATM 145 O  O     . HOH B 2 . ? 8.550  12.398  1.775  1.00 43.27 ? 31 HOH X O     1 
HETATM 146 O  O     . HOH B 2 . ? 4.712  10.366  3.929  1.00 32.92 ? 32 HOH X O     1 
HETATM 147 O  O     . HOH B 2 . ? 1.883  10.211  -1.328 1.00 38.40 ? 33 HOH X O     1 
HETATM 148 O  O     . HOH B 2 . ? 4.142  9.878   7.303  1.00 33.25 ? 35 HOH X O     1 
HETATM 149 O  O     . HOH B 2 . ? 0.839  -8.680  -3.339 1.00 36.25 ? 36 HOH X O     1 
HETATM 150 O  O     . HOH B 2 . ? -2.736 -11.171 7.446  1.00 26.87 ? 39 HOH X O     1 
HETATM 151 O  O     . HOH B 2 . ? 0.317  1.348   4.178  0.50 13.70 ? 41 HOH X O     1 
HETATM 152 O  O     . HOH B 2 . ? -0.636 9.126   -0.321 0.50 27.48 ? 42 HOH X O     1 
HETATM 153 O  O     . HOH B 2 . ? 0.458  -4.615  7.202  0.50 38.59 ? 44 HOH X O     1 
HETATM 154 O  O     . HOH B 2 . ? -1.724 -4.017  -7.364 1.00 37.24 ? 45 HOH X O     1 
HETATM 155 O  O     . HOH B 2 . ? 5.333  1.219   2.112  1.00 38.12 ? 46 HOH X O     1 
HETATM 156 O  O     . HOH B 2 . ? 9.127  10.155  -5.330 1.00 45.02 ? 47 HOH X O     1 
HETATM 157 O  O     . HOH B 2 . ? -0.124 -10.704 7.040  1.00 36.55 ? 48 HOH X O     1 
# 
